data_4ESN
#
_entry.id   4ESN
#
_cell.length_a   39.854
_cell.length_b   63.090
_cell.length_c   67.526
_cell.angle_alpha   90.000
_cell.angle_beta   90.000
_cell.angle_gamma   90.000
#
_symmetry.space_group_name_H-M   'P 21 21 21'
#
loop_
_entity.id
_entity.type
_entity.pdbx_description
1 polymer 'hypothetical protein'
2 non-polymer 'ZINC ION'
3 non-polymer 2-{2-[2-(2-{2-[2-(2-ETHOXY-ETHOXY)-ETHOXY]-ETHOXY}-ETHOXY)-ETHOXY]-ETHOXY}-ETHANOL
4 water water
#
_entity_poly.entity_id   1
_entity_poly.type   'polypeptide(L)'
_entity_poly.pdbx_seq_one_letter_code
;(MSE)GSDKIHHHHHHENLYFQGAVVTVDGEVYGTYSLAKDQTIEIQDGNRLRIQNGQAK(MSE)EWADCPDQLCVHQKA
ISRTGESIICLPNQVVVSVQGSKESELDGIVN
;
_entity_poly.pdbx_strand_id   A,B
#
# COMPACT_ATOMS: atom_id res chain seq x y z
N TYR A 16 12.14 -16.22 -12.28
CA TYR A 16 11.03 -15.31 -11.98
C TYR A 16 9.96 -16.00 -11.11
N PHE A 17 9.47 -15.28 -10.08
CA PHE A 17 8.47 -15.77 -9.12
C PHE A 17 7.53 -14.65 -8.65
N GLN A 18 6.36 -15.02 -8.11
CA GLN A 18 5.43 -14.07 -7.53
C GLN A 18 5.71 -13.96 -6.02
N GLY A 19 6.01 -12.75 -5.59
CA GLY A 19 6.30 -12.58 -4.17
C GLY A 19 5.76 -11.32 -3.54
N ALA A 20 5.72 -11.33 -2.21
CA ALA A 20 5.32 -10.23 -1.38
C ALA A 20 6.57 -9.42 -1.03
N VAL A 21 6.67 -8.19 -1.56
CA VAL A 21 7.78 -7.27 -1.30
C VAL A 21 7.41 -6.54 -0.01
N VAL A 22 8.34 -6.52 0.96
CA VAL A 22 8.14 -5.85 2.23
C VAL A 22 9.15 -4.69 2.30
N THR A 23 8.62 -3.48 2.54
CA THR A 23 9.47 -2.30 2.76
C THR A 23 9.13 -1.77 4.14
N VAL A 24 10.16 -1.39 4.90
CA VAL A 24 10.03 -0.76 6.22
C VAL A 24 10.81 0.55 6.12
N ASP A 25 10.12 1.67 6.36
CA ASP A 25 10.67 3.03 6.28
C ASP A 25 11.31 3.27 4.88
N GLY A 26 10.66 2.74 3.84
CA GLY A 26 11.11 2.89 2.45
C GLY A 26 12.22 1.96 1.99
N GLU A 27 12.80 1.17 2.90
CA GLU A 27 13.87 0.23 2.56
C GLU A 27 13.30 -1.18 2.33
N VAL A 28 13.63 -1.81 1.19
CA VAL A 28 13.20 -3.19 0.88
C VAL A 28 13.91 -4.12 1.86
N TYR A 29 13.15 -4.95 2.55
CA TYR A 29 13.70 -5.91 3.51
C TYR A 29 13.86 -7.21 2.79
N GLY A 30 12.89 -7.53 1.95
CA GLY A 30 12.95 -8.76 1.19
C GLY A 30 11.73 -8.96 0.36
N THR A 31 11.75 -10.03 -0.47
CA THR A 31 10.64 -10.50 -1.30
C THR A 31 10.45 -11.95 -0.96
N TYR A 32 9.23 -12.34 -0.61
CA TYR A 32 8.89 -13.69 -0.13
C TYR A 32 7.88 -14.34 -1.02
N SER A 33 8.23 -15.50 -1.55
CA SER A 33 7.38 -16.25 -2.48
C SER A 33 6.01 -16.53 -1.87
N LEU A 34 4.96 -16.27 -2.67
CA LEU A 34 3.57 -16.54 -2.28
C LEU A 34 3.29 -18.04 -2.33
N ALA A 35 4.06 -18.79 -3.09
CA ALA A 35 3.88 -20.25 -3.26
C ALA A 35 4.35 -21.03 -2.02
N LYS A 36 4.99 -20.36 -1.05
CA LYS A 36 5.48 -21.05 0.14
C LYS A 36 4.90 -20.42 1.40
N ASP A 37 4.20 -21.24 2.20
CA ASP A 37 3.63 -20.84 3.47
C ASP A 37 4.74 -20.42 4.43
N GLN A 38 4.66 -19.20 4.93
CA GLN A 38 5.69 -18.66 5.80
C GLN A 38 5.14 -17.51 6.60
N THR A 39 5.82 -17.19 7.70
CA THR A 39 5.49 -16.14 8.64
CA THR A 39 5.47 -16.08 8.58
C THR A 39 6.68 -15.16 8.65
N ILE A 40 6.43 -13.88 8.41
CA ILE A 40 7.46 -12.85 8.40
C ILE A 40 7.20 -11.90 9.56
N GLU A 41 8.11 -11.90 10.52
CA GLU A 41 8.03 -11.02 11.68
C GLU A 41 8.82 -9.80 11.29
N ILE A 42 8.10 -8.69 11.04
CA ILE A 42 8.66 -7.45 10.53
C ILE A 42 8.97 -6.56 11.70
N GLN A 43 10.19 -6.68 12.23
CA GLN A 43 10.68 -5.95 13.41
C GLN A 43 9.86 -6.40 14.62
N ASP A 44 9.44 -5.46 15.49
CA ASP A 44 8.65 -5.82 16.69
C ASP A 44 7.14 -5.48 16.53
N GLY A 45 6.77 -4.81 15.43
CA GLY A 45 5.42 -4.30 15.25
C GLY A 45 4.46 -4.94 14.27
N ASN A 46 4.95 -5.83 13.39
CA ASN A 46 4.05 -6.41 12.40
C ASN A 46 4.43 -7.84 12.08
N ARG A 47 3.41 -8.65 11.82
CA ARG A 47 3.66 -10.03 11.42
C ARG A 47 2.81 -10.35 10.23
N LEU A 48 3.47 -10.73 9.13
CA LEU A 48 2.83 -11.09 7.87
C LEU A 48 2.73 -12.58 7.74
N ARG A 49 1.57 -13.07 7.30
CA ARG A 49 1.39 -14.50 7.07
C ARG A 49 1.19 -14.76 5.56
N ILE A 50 2.03 -15.64 5.00
CA ILE A 50 1.85 -16.08 3.63
C ILE A 50 1.26 -17.47 3.76
N GLN A 51 0.05 -17.65 3.25
CA GLN A 51 -0.68 -18.91 3.36
C GLN A 51 -1.59 -19.05 2.17
N ASN A 52 -1.58 -20.25 1.55
CA ASN A 52 -2.41 -20.60 0.40
C ASN A 52 -2.27 -19.57 -0.76
N GLY A 53 -1.04 -19.15 -1.05
CA GLY A 53 -0.74 -18.22 -2.14
C GLY A 53 -1.16 -16.78 -1.90
N GLN A 54 -1.45 -16.44 -0.63
CA GLN A 54 -1.91 -15.09 -0.26
C GLN A 54 -1.10 -14.52 0.89
N ALA A 55 -0.94 -13.18 0.93
CA ALA A 55 -0.29 -12.47 2.01
C ALA A 55 -1.34 -11.71 2.82
N LYS A 56 -1.25 -11.80 4.14
CA LYS A 56 -2.18 -11.14 5.06
CA LYS A 56 -2.17 -11.09 5.04
C LYS A 56 -1.43 -10.66 6.29
N GLU A 58 -1.20 -10.67 9.81
CA GLU A 58 -1.79 -11.47 10.88
C GLU A 58 -1.88 -10.71 12.23
N TRP A 59 -0.87 -9.88 12.52
CA TRP A 59 -0.77 -9.17 13.80
C TRP A 59 0.02 -7.90 13.60
N ALA A 60 -0.28 -6.90 14.41
CA ALA A 60 0.42 -5.62 14.46
C ALA A 60 0.20 -4.98 15.82
N ASP A 61 1.20 -4.19 16.29
CA ASP A 61 1.11 -3.47 17.56
C ASP A 61 0.59 -2.02 17.36
N CYS A 62 0.17 -1.66 16.13
CA CYS A 62 -0.35 -0.33 15.81
C CYS A 62 -1.69 -0.08 16.51
N PRO A 63 -2.03 1.20 16.86
CA PRO A 63 -3.31 1.45 17.57
C PRO A 63 -4.57 1.25 16.71
N ASP A 64 -4.54 1.66 15.43
CA ASP A 64 -5.74 1.59 14.57
C ASP A 64 -6.07 0.15 14.09
N GLN A 65 -5.06 -0.74 13.97
CA GLN A 65 -5.21 -2.14 13.54
C GLN A 65 -5.76 -2.26 12.11
N LEU A 66 -5.63 -1.18 11.31
CA LEU A 66 -6.17 -1.13 9.95
C LEU A 66 -5.50 -2.15 9.02
N CYS A 67 -4.17 -2.35 9.13
CA CYS A 67 -3.40 -3.30 8.31
C CYS A 67 -3.91 -4.73 8.51
N VAL A 68 -4.21 -5.09 9.77
CA VAL A 68 -4.70 -6.40 10.17
C VAL A 68 -6.12 -6.65 9.59
N HIS A 69 -6.90 -5.59 9.35
CA HIS A 69 -8.24 -5.73 8.81
C HIS A 69 -8.27 -5.69 7.28
N GLN A 70 -7.14 -5.45 6.61
CA GLN A 70 -7.08 -5.47 5.14
C GLN A 70 -7.17 -6.87 4.62
N LYS A 71 -7.88 -7.04 3.51
CA LYS A 71 -8.06 -8.32 2.81
C LYS A 71 -6.71 -8.87 2.36
N ALA A 72 -6.58 -10.21 2.32
CA ALA A 72 -5.38 -10.89 1.83
C ALA A 72 -5.14 -10.51 0.36
N ILE A 73 -3.87 -10.45 -0.04
CA ILE A 73 -3.47 -10.03 -1.38
C ILE A 73 -2.68 -11.16 -2.07
N SER A 74 -2.87 -11.30 -3.39
CA SER A 74 -2.22 -12.34 -4.20
C SER A 74 -1.97 -11.87 -5.63
N ARG A 75 -2.49 -10.70 -6.02
CA ARG A 75 -2.35 -10.20 -7.39
C ARG A 75 -1.30 -9.07 -7.47
N THR A 76 -0.51 -9.07 -8.57
CA THR A 76 0.55 -8.09 -8.79
CA THR A 76 0.53 -8.08 -8.83
C THR A 76 -0.04 -6.65 -8.69
N GLY A 77 0.65 -5.82 -7.93
CA GLY A 77 0.24 -4.44 -7.69
C GLY A 77 -0.53 -4.23 -6.40
N GLU A 78 -1.26 -5.26 -5.90
CA GLU A 78 -2.06 -5.19 -4.67
C GLU A 78 -1.17 -4.87 -3.48
N SER A 79 -1.72 -4.21 -2.45
CA SER A 79 -0.92 -3.87 -1.28
C SER A 79 -1.68 -3.91 0.06
N ILE A 80 -0.89 -4.01 1.14
CA ILE A 80 -1.28 -3.94 2.55
C ILE A 80 -0.28 -2.96 3.17
N ILE A 81 -0.76 -1.94 3.86
CA ILE A 81 0.15 -0.99 4.46
C ILE A 81 -0.20 -0.83 5.92
N CYS A 82 0.83 -0.61 6.75
CA CYS A 82 0.67 -0.23 8.14
C CYS A 82 1.31 1.10 8.25
N LEU A 83 0.50 2.14 8.11
CA LEU A 83 0.94 3.52 8.15
C LEU A 83 1.68 3.86 9.47
N PRO A 84 1.16 3.51 10.69
CA PRO A 84 1.90 3.86 11.91
C PRO A 84 3.29 3.26 12.00
N ASN A 85 3.52 2.03 11.47
CA ASN A 85 4.85 1.41 11.52
C ASN A 85 5.66 1.55 10.21
N GLN A 86 5.14 2.32 9.23
CA GLN A 86 5.77 2.56 7.93
C GLN A 86 6.11 1.23 7.19
N VAL A 87 5.21 0.26 7.29
CA VAL A 87 5.37 -1.03 6.65
C VAL A 87 4.50 -1.06 5.41
N VAL A 88 5.09 -1.42 4.27
CA VAL A 88 4.39 -1.61 3.00
C VAL A 88 4.60 -3.04 2.54
N VAL A 89 3.50 -3.74 2.24
CA VAL A 89 3.54 -5.08 1.69
C VAL A 89 2.91 -4.97 0.32
N SER A 90 3.63 -5.44 -0.70
CA SER A 90 3.14 -5.32 -2.06
C SER A 90 3.41 -6.59 -2.85
N VAL A 91 2.48 -7.00 -3.73
CA VAL A 91 2.70 -8.19 -4.55
C VAL A 91 3.39 -7.75 -5.84
N GLN A 92 4.58 -8.34 -6.10
CA GLN A 92 5.37 -8.05 -7.33
C GLN A 92 5.71 -9.36 -8.03
N GLY A 93 5.67 -9.36 -9.36
CA GLY A 93 5.98 -10.51 -10.21
C GLY A 93 4.74 -11.16 -10.81
N PHE B 17 -12.65 13.99 9.18
CA PHE B 17 -12.98 13.72 7.78
C PHE B 17 -12.25 12.48 7.27
N GLN B 18 -12.83 11.80 6.23
CA GLN B 18 -12.21 10.64 5.57
C GLN B 18 -11.43 11.14 4.35
N GLY B 19 -10.12 10.93 4.40
CA GLY B 19 -9.21 11.41 3.37
C GLY B 19 -8.18 10.43 2.90
N ALA B 20 -7.57 10.78 1.78
CA ALA B 20 -6.48 10.05 1.16
C ALA B 20 -5.17 10.63 1.69
N VAL B 21 -4.45 9.85 2.49
CA VAL B 21 -3.16 10.22 3.04
C VAL B 21 -2.13 9.85 1.98
N VAL B 22 -1.24 10.78 1.64
CA VAL B 22 -0.20 10.57 0.67
C VAL B 22 1.15 10.67 1.43
N THR B 23 1.98 9.64 1.30
CA THR B 23 3.34 9.67 1.85
C THR B 23 4.30 9.48 0.69
N VAL B 24 5.38 10.24 0.69
CA VAL B 24 6.47 10.15 -0.29
C VAL B 24 7.73 9.93 0.53
N ASP B 25 8.41 8.81 0.29
CA ASP B 25 9.64 8.40 1.00
C ASP B 25 9.39 8.38 2.54
N GLY B 26 8.19 7.91 2.94
CA GLY B 26 7.79 7.80 4.34
C GLY B 26 7.32 9.08 5.02
N GLU B 27 7.41 10.23 4.33
CA GLU B 27 6.97 11.51 4.90
C GLU B 27 5.56 11.85 4.39
N VAL B 28 4.65 12.23 5.32
CA VAL B 28 3.28 12.64 4.96
C VAL B 28 3.40 13.93 4.17
N TYR B 29 2.88 13.87 2.96
CA TYR B 29 2.84 14.94 1.97
C TYR B 29 1.59 15.80 2.17
N GLY B 30 0.47 15.16 2.49
CA GLY B 30 -0.81 15.76 2.78
C GLY B 30 -1.91 14.73 2.98
N THR B 31 -3.10 15.21 3.36
CA THR B 31 -4.32 14.42 3.53
CA THR B 31 -4.32 14.41 3.54
C THR B 31 -5.40 15.16 2.76
N TYR B 32 -6.05 14.49 1.80
CA TYR B 32 -7.02 15.11 0.91
C TYR B 32 -8.37 14.49 1.04
N SER B 33 -9.39 15.31 1.34
CA SER B 33 -10.75 14.83 1.53
C SER B 33 -11.27 14.09 0.30
N LEU B 34 -11.89 12.94 0.52
CA LEU B 34 -12.48 12.13 -0.54
C LEU B 34 -13.79 12.76 -1.03
N ALA B 35 -14.43 13.59 -0.18
CA ALA B 35 -15.69 14.26 -0.49
C ALA B 35 -15.51 15.43 -1.48
N LYS B 36 -14.27 15.80 -1.81
CA LYS B 36 -14.01 16.91 -2.73
C LYS B 36 -13.19 16.44 -3.91
N ASP B 37 -13.72 16.64 -5.13
CA ASP B 37 -13.05 16.29 -6.38
C ASP B 37 -11.82 17.16 -6.52
N GLN B 38 -10.67 16.51 -6.69
CA GLN B 38 -9.39 17.21 -6.78
C GLN B 38 -8.35 16.34 -7.45
N THR B 39 -7.31 16.98 -7.98
CA THR B 39 -6.19 16.34 -8.66
C THR B 39 -4.92 16.74 -7.90
N ILE B 40 -4.14 15.75 -7.45
CA ILE B 40 -2.92 15.98 -6.69
C ILE B 40 -1.71 15.50 -7.48
N GLU B 41 -0.85 16.45 -7.80
CA GLU B 41 0.40 16.16 -8.51
C GLU B 41 1.44 15.93 -7.43
N ILE B 42 1.85 14.68 -7.27
CA ILE B 42 2.77 14.24 -6.23
C ILE B 42 4.21 14.27 -6.75
N GLN B 43 4.93 15.34 -6.40
CA GLN B 43 6.35 15.61 -6.69
C GLN B 43 6.78 15.23 -8.14
N ASP B 44 5.96 15.59 -9.15
CA ASP B 44 6.19 15.41 -10.61
C ASP B 44 6.11 13.96 -11.17
N GLY B 45 6.23 12.92 -10.31
CA GLY B 45 6.25 11.54 -10.76
C GLY B 45 4.95 10.76 -10.71
N ASN B 46 3.94 11.31 -10.04
CA ASN B 46 2.63 10.66 -9.83
C ASN B 46 1.54 11.69 -9.76
N ARG B 47 0.36 11.34 -10.28
CA ARG B 47 -0.80 12.21 -10.21
C ARG B 47 -1.99 11.41 -9.73
N LEU B 48 -2.55 11.83 -8.60
CA LEU B 48 -3.72 11.21 -7.97
C LEU B 48 -4.98 11.97 -8.33
N ARG B 49 -6.05 11.27 -8.65
CA ARG B 49 -7.33 11.91 -8.92
C ARG B 49 -8.36 11.47 -7.87
N ILE B 50 -8.99 12.43 -7.19
CA ILE B 50 -10.07 12.18 -6.25
C ILE B 50 -11.34 12.57 -6.96
N GLN B 51 -12.22 11.60 -7.17
CA GLN B 51 -13.45 11.81 -7.92
C GLN B 51 -14.51 10.86 -7.41
N ASN B 52 -15.72 11.40 -7.17
CA ASN B 52 -16.88 10.65 -6.68
C ASN B 52 -16.57 9.82 -5.41
N GLY B 53 -15.87 10.44 -4.46
CA GLY B 53 -15.53 9.82 -3.18
C GLY B 53 -14.48 8.74 -3.23
N GLN B 54 -13.73 8.67 -4.35
CA GLN B 54 -12.70 7.64 -4.57
C GLN B 54 -11.38 8.25 -4.99
N ALA B 55 -10.27 7.61 -4.60
CA ALA B 55 -8.92 8.00 -5.01
C ALA B 55 -8.37 6.98 -6.00
N LYS B 56 -7.77 7.47 -7.09
CA LYS B 56 -7.19 6.63 -8.14
C LYS B 56 -5.91 7.28 -8.67
N GLU B 58 -4.07 8.44 -11.46
CA GLU B 58 -4.42 8.77 -12.85
C GLU B 58 -3.20 8.64 -13.81
N TRP B 59 -2.01 8.99 -13.33
CA TRP B 59 -0.78 9.01 -14.13
C TRP B 59 0.42 8.81 -13.24
N ALA B 60 1.48 8.24 -13.81
CA ALA B 60 2.77 8.03 -13.15
C ALA B 60 3.84 7.86 -14.21
N ASP B 61 5.07 8.29 -13.89
CA ASP B 61 6.23 8.17 -14.77
C ASP B 61 7.03 6.87 -14.51
N CYS B 62 6.52 5.99 -13.62
CA CYS B 62 7.17 4.72 -13.28
C CYS B 62 7.14 3.75 -14.49
N PRO B 63 8.16 2.85 -14.64
CA PRO B 63 8.16 1.93 -15.79
C PRO B 63 7.08 0.83 -15.75
N ASP B 64 6.77 0.26 -14.57
CA ASP B 64 5.81 -0.85 -14.47
C ASP B 64 4.33 -0.39 -14.62
N GLN B 65 4.01 0.87 -14.24
CA GLN B 65 2.66 1.45 -14.33
C GLN B 65 1.64 0.68 -13.44
N LEU B 66 2.13 -0.07 -12.44
CA LEU B 66 1.29 -0.87 -11.56
C LEU B 66 0.32 -0.02 -10.72
N CYS B 67 0.78 1.13 -10.21
CA CYS B 67 -0.04 2.05 -9.39
C CYS B 67 -1.25 2.55 -10.17
N VAL B 68 -1.04 2.88 -11.46
CA VAL B 68 -2.07 3.39 -12.38
C VAL B 68 -3.12 2.30 -12.65
N HIS B 69 -2.73 1.01 -12.59
CA HIS B 69 -3.66 -0.09 -12.85
C HIS B 69 -4.38 -0.59 -11.58
N GLN B 70 -4.05 -0.07 -10.40
CA GLN B 70 -4.75 -0.49 -9.18
CA GLN B 70 -4.73 -0.48 -9.17
C GLN B 70 -6.12 0.16 -9.11
N LYS B 71 -7.12 -0.60 -8.62
CA LYS B 71 -8.49 -0.09 -8.54
C LYS B 71 -8.60 1.09 -7.55
N ALA B 72 -9.57 2.00 -7.81
CA ALA B 72 -9.87 3.14 -6.97
C ALA B 72 -10.18 2.69 -5.53
N ILE B 73 -9.80 3.52 -4.54
CA ILE B 73 -9.95 3.22 -3.13
C ILE B 73 -10.84 4.27 -2.45
N SER B 74 -11.66 3.83 -1.49
CA SER B 74 -12.58 4.70 -0.75
C SER B 74 -12.82 4.23 0.70
N ARG B 75 -12.33 3.04 1.08
CA ARG B 75 -12.54 2.52 2.43
C ARG B 75 -11.29 2.58 3.27
N THR B 76 -11.47 2.87 4.58
CA THR B 76 -10.40 3.00 5.59
C THR B 76 -9.47 1.81 5.53
N GLY B 77 -8.18 2.09 5.45
CA GLY B 77 -7.15 1.05 5.39
C GLY B 77 -6.69 0.71 3.99
N GLU B 78 -7.56 0.86 2.96
CA GLU B 78 -7.24 0.55 1.55
C GLU B 78 -6.05 1.38 1.07
N SER B 79 -5.27 0.86 0.11
CA SER B 79 -4.11 1.59 -0.37
C SER B 79 -3.82 1.39 -1.88
N ILE B 80 -3.04 2.34 -2.42
CA ILE B 80 -2.47 2.41 -3.75
C ILE B 80 -1.00 2.75 -3.53
N ILE B 81 -0.09 1.93 -4.05
CA ILE B 81 1.31 2.26 -3.86
C ILE B 81 2.01 2.32 -5.20
N CYS B 82 3.02 3.21 -5.31
CA CYS B 82 3.92 3.25 -6.43
C CYS B 82 5.27 2.99 -5.84
N LEU B 83 5.66 1.72 -5.85
CA LEU B 83 6.93 1.26 -5.30
C LEU B 83 8.13 1.99 -5.95
N PRO B 84 8.24 2.13 -7.31
CA PRO B 84 9.41 2.83 -7.87
C PRO B 84 9.57 4.28 -7.39
N ASN B 85 8.48 5.02 -7.15
CA ASN B 85 8.58 6.42 -6.70
C ASN B 85 8.36 6.58 -5.17
N GLN B 86 8.26 5.47 -4.42
CA GLN B 86 8.06 5.45 -2.96
C GLN B 86 6.83 6.28 -2.53
N VAL B 87 5.76 6.20 -3.34
CA VAL B 87 4.51 6.89 -3.08
C VAL B 87 3.51 5.90 -2.50
N VAL B 88 2.92 6.25 -1.36
CA VAL B 88 1.86 5.48 -0.72
C VAL B 88 0.62 6.35 -0.62
N VAL B 89 -0.50 5.85 -1.12
CA VAL B 89 -1.79 6.52 -0.97
C VAL B 89 -2.64 5.59 -0.11
N SER B 90 -3.21 6.12 0.97
CA SER B 90 -3.97 5.31 1.89
C SER B 90 -5.21 6.06 2.35
N VAL B 91 -6.32 5.36 2.54
CA VAL B 91 -7.55 5.97 3.03
C VAL B 91 -7.54 5.89 4.56
N GLN B 92 -7.63 7.07 5.22
CA GLN B 92 -7.67 7.18 6.68
C GLN B 92 -8.87 8.02 7.12
N GLY B 93 -9.46 7.67 8.26
CA GLY B 93 -10.62 8.35 8.84
C GLY B 93 -10.25 9.35 9.90
#